data_1KMV
#
_entry.id   1KMV
#
_cell.length_a   41.300
_cell.length_b   54.990
_cell.length_c   82.680
_cell.angle_alpha   90.00
_cell.angle_beta   90.00
_cell.angle_gamma   90.00
#
_symmetry.space_group_name_H-M   'P 21 21 21'
#
loop_
_entity.id
_entity.type
_entity.pdbx_description
1 polymer 'DIHYDROFOLATE REDUCTASE'
2 non-polymer 'SULFATE ION'
3 non-polymer (Z)-6-(2-[2,5-DIMETHOXYPHENYL]ETHEN-1-YL)-2,4-DIAMINO-5-METHYLPYRIDO[2,3-D]PYRIMIDINE
4 non-polymer 'NADPH DIHYDRO-NICOTINAMIDE-ADENINE-DINUCLEOTIDE PHOSPHATE'
5 non-polymer 'DIMETHYL SULFOXIDE'
6 water water
#
_entity_poly.entity_id   1
_entity_poly.type   'polypeptide(L)'
_entity_poly.pdbx_seq_one_letter_code
;VGSLNCIVAVSQNMGIGKNGDLPWPPLRNEFRYFQRMTTTSSVEGKQNLVIMGKKTWFSIPEKNRPLKGRINLVLSRELK
EPPQGAHFLSRSLDDALKLTEQPELANKVDMVWIVGGSSVYKEAMNHPGHLKLFVTRIMQDFESDTFFPEIDLEKYKLLP
EYPGVLSDVQEEKGIKYKFEVYEKND
;
_entity_poly.pdbx_strand_id   A
#
loop_
_chem_comp.id
_chem_comp.type
_chem_comp.name
_chem_comp.formula
DMS non-polymer 'DIMETHYL SULFOXIDE' 'C2 H6 O S'
LII non-polymer (Z)-6-(2-[2,5-DIMETHOXYPHENYL]ETHEN-1-YL)-2,4-DIAMINO-5-METHYLPYRIDO[2,3-D]PYRIMIDINE 'C18 H19 N5 O2'
NDP non-polymer 'NADPH DIHYDRO-NICOTINAMIDE-ADENINE-DINUCLEOTIDE PHOSPHATE' 'C21 H30 N7 O17 P3'
SO4 non-polymer 'SULFATE ION' 'O4 S -2'
#
# COMPACT_ATOMS: atom_id res chain seq x y z
N VAL A 1 -15.75 -9.46 2.87
CA VAL A 1 -14.46 -8.74 2.87
C VAL A 1 -13.36 -9.73 2.49
N GLY A 2 -12.63 -9.28 1.45
CA GLY A 2 -11.70 -10.19 0.83
C GLY A 2 -10.33 -10.22 1.47
N SER A 3 -9.33 -10.22 0.59
CA SER A 3 -7.98 -10.46 1.01
C SER A 3 -7.29 -9.23 1.60
N LEU A 4 -6.23 -9.46 2.33
CA LEU A 4 -5.32 -8.46 2.92
C LEU A 4 -4.00 -8.45 2.18
N ASN A 5 -3.58 -7.30 1.72
CA ASN A 5 -2.49 -7.08 0.80
C ASN A 5 -1.74 -5.82 1.22
N CYS A 6 -0.44 -5.82 1.06
CA CYS A 6 0.37 -4.63 1.16
C CYS A 6 0.90 -4.30 -0.21
N ILE A 7 1.06 -3.03 -0.48
CA ILE A 7 1.68 -2.58 -1.74
C ILE A 7 2.64 -1.46 -1.42
N VAL A 8 3.83 -1.54 -1.98
CA VAL A 8 4.93 -0.62 -1.70
C VAL A 8 5.81 -0.53 -2.92
N ALA A 9 6.50 0.60 -3.04
CA ALA A 9 7.65 0.78 -3.92
C ALA A 9 8.84 1.05 -3.04
N VAL A 10 9.98 0.39 -3.31
CA VAL A 10 11.13 0.42 -2.41
C VAL A 10 12.40 0.56 -3.24
N SER A 11 13.30 1.40 -2.73
CA SER A 11 14.64 1.48 -3.35
C SER A 11 15.47 0.25 -2.99
N GLN A 12 16.68 0.18 -3.62
CA GLN A 12 17.57 -0.92 -3.37
C GLN A 12 18.00 -0.99 -1.91
N ASN A 13 18.09 0.18 -1.27
CA ASN A 13 18.45 0.30 0.13
C ASN A 13 17.22 0.27 1.04
N MET A 14 16.11 -0.21 0.54
CA MET A 14 14.88 -0.46 1.27
C MET A 14 14.15 0.82 1.66
N GLY A 15 14.48 1.92 1.01
CA GLY A 15 13.85 3.18 1.33
C GLY A 15 12.50 3.37 0.70
N ILE A 16 11.60 3.97 1.46
CA ILE A 16 10.24 4.24 0.95
CA ILE A 16 10.24 4.30 1.05
C ILE A 16 9.96 5.75 0.95
C ILE A 16 9.82 5.72 1.40
N GLY A 17 10.55 6.54 1.88
N GLY A 17 10.83 6.56 1.80
CA GLY A 17 10.30 7.95 2.08
CA GLY A 17 10.34 7.94 2.05
C GLY A 17 11.55 8.75 2.44
N LYS A 18 11.45 10.08 2.19
CA LYS A 18 12.51 11.02 2.55
C LYS A 18 11.80 12.34 2.79
N ASN A 19 11.90 12.87 3.99
CA ASN A 19 11.30 14.16 4.34
C ASN A 19 9.84 14.26 3.93
N GLY A 20 9.09 13.19 4.11
CA GLY A 20 7.66 13.16 3.85
C GLY A 20 7.28 13.05 2.40
N ASP A 21 8.22 12.81 1.51
CA ASP A 21 7.99 12.61 0.10
C ASP A 21 8.67 11.31 -0.32
N LEU A 22 8.49 11.06 -1.62
CA LEU A 22 9.19 9.89 -2.16
C LEU A 22 10.69 10.11 -2.28
N PRO A 23 11.48 9.08 -2.13
CA PRO A 23 12.95 9.27 -2.27
C PRO A 23 13.35 9.54 -3.71
N TRP A 24 12.55 9.12 -4.68
CA TRP A 24 12.79 9.23 -6.11
C TRP A 24 11.87 10.24 -6.71
N PRO A 25 12.18 10.74 -7.89
CA PRO A 25 11.23 11.62 -8.57
C PRO A 25 9.98 10.83 -8.89
N PRO A 26 8.87 11.54 -9.17
CA PRO A 26 7.62 10.87 -9.47
C PRO A 26 7.74 10.00 -10.71
N LEU A 27 7.30 8.76 -10.60
CA LEU A 27 7.22 7.80 -11.67
C LEU A 27 5.77 7.48 -12.01
N ARG A 28 5.24 8.20 -13.02
CA ARG A 28 3.81 8.20 -13.26
C ARG A 28 3.25 6.82 -13.53
N ASN A 29 4.02 6.03 -14.28
CA ASN A 29 3.51 4.72 -14.61
C ASN A 29 3.56 3.72 -13.45
N GLU A 30 4.47 3.94 -12.51
CA GLU A 30 4.44 3.18 -11.24
C GLU A 30 3.19 3.56 -10.44
N PHE A 31 2.84 4.82 -10.40
CA PHE A 31 1.58 5.23 -9.80
C PHE A 31 0.38 4.58 -10.49
N ARG A 32 0.45 4.45 -11.81
CA ARG A 32 -0.65 3.83 -12.53
C ARG A 32 -0.80 2.36 -12.15
N TYR A 33 0.32 1.66 -11.95
CA TYR A 33 0.27 0.29 -11.48
C TYR A 33 -0.37 0.24 -10.12
N PHE A 34 0.06 1.07 -9.19
CA PHE A 34 -0.57 1.16 -7.87
C PHE A 34 -2.07 1.37 -8.00
N GLN A 35 -2.45 2.31 -8.84
CA GLN A 35 -3.88 2.64 -9.02
C GLN A 35 -4.66 1.42 -9.45
N ARG A 36 -4.12 0.70 -10.45
CA ARG A 36 -4.84 -0.41 -10.99
C ARG A 36 -5.00 -1.52 -9.94
N MET A 37 -3.86 -1.80 -9.26
CA MET A 37 -3.92 -2.92 -8.31
C MET A 37 -4.86 -2.64 -7.15
N THR A 38 -4.76 -1.39 -6.60
CA THR A 38 -5.57 -1.06 -5.43
C THR A 38 -7.02 -0.78 -5.78
N THR A 39 -7.35 -0.44 -7.02
CA THR A 39 -8.73 -0.06 -7.29
C THR A 39 -9.55 -1.24 -7.80
N THR A 40 -8.92 -2.17 -8.46
CA THR A 40 -9.66 -3.21 -9.16
C THR A 40 -10.20 -4.27 -8.22
N SER A 41 -11.52 -4.49 -8.31
CA SER A 41 -12.21 -5.55 -7.64
C SER A 41 -12.91 -6.43 -8.63
N SER A 42 -12.95 -7.73 -8.45
CA SER A 42 -13.69 -8.66 -9.29
C SER A 42 -15.17 -8.69 -8.90
N VAL A 43 -15.59 -8.11 -7.78
CA VAL A 43 -16.96 -8.20 -7.30
C VAL A 43 -17.68 -6.91 -7.61
N GLU A 44 -18.72 -6.99 -8.38
CA GLU A 44 -19.40 -5.81 -8.85
C GLU A 44 -20.01 -5.05 -7.70
N GLY A 45 -19.88 -3.74 -7.78
CA GLY A 45 -20.45 -2.88 -6.78
C GLY A 45 -19.55 -2.61 -5.59
N LYS A 46 -18.58 -3.42 -5.33
CA LYS A 46 -17.74 -3.20 -4.14
C LYS A 46 -16.61 -2.29 -4.47
N GLN A 47 -16.00 -1.74 -3.42
CA GLN A 47 -14.78 -0.96 -3.54
C GLN A 47 -13.73 -1.64 -2.66
N ASN A 48 -12.50 -1.48 -3.03
CA ASN A 48 -11.41 -1.84 -2.12
C ASN A 48 -11.19 -0.75 -1.10
N LEU A 49 -10.65 -1.15 0.04
CA LEU A 49 -10.27 -0.28 1.12
C LEU A 49 -8.76 -0.06 1.09
N VAL A 50 -8.33 1.19 1.13
CA VAL A 50 -6.90 1.52 1.27
C VAL A 50 -6.73 2.06 2.68
N ILE A 51 -5.73 1.51 3.38
CA ILE A 51 -5.37 1.90 4.72
C ILE A 51 -3.98 2.51 4.67
N MET A 52 -3.83 3.63 5.30
CA MET A 52 -2.53 4.33 5.28
C MET A 52 -2.35 5.12 6.55
N GLY A 53 -1.11 5.39 6.90
CA GLY A 53 -0.75 6.33 7.94
C GLY A 53 -0.96 7.74 7.49
N LYS A 54 -0.86 8.64 8.50
CA LYS A 54 -1.09 10.03 8.26
C LYS A 54 -0.05 10.68 7.35
N LYS A 55 1.23 10.33 7.48
CA LYS A 55 2.21 10.94 6.62
C LYS A 55 2.01 10.49 5.19
N THR A 56 1.63 9.21 4.98
CA THR A 56 1.36 8.73 3.63
C THR A 56 0.18 9.51 3.02
N TRP A 57 -0.89 9.71 3.79
CA TRP A 57 -2.03 10.51 3.30
C TRP A 57 -1.56 11.84 2.79
N PHE A 58 -0.77 12.57 3.63
CA PHE A 58 -0.38 13.90 3.20
C PHE A 58 0.71 13.90 2.13
N SER A 59 1.33 12.77 1.86
CA SER A 59 2.30 12.67 0.77
C SER A 59 1.61 12.53 -0.56
N ILE A 60 0.33 12.22 -0.59
CA ILE A 60 -0.42 12.10 -1.84
C ILE A 60 -0.86 13.49 -2.28
N PRO A 61 -0.64 13.84 -3.54
CA PRO A 61 -1.04 15.19 -3.93
C PRO A 61 -2.51 15.43 -3.68
N GLU A 62 -2.86 16.63 -3.22
CA GLU A 62 -4.24 16.91 -2.92
C GLU A 62 -5.17 16.62 -4.10
N LYS A 63 -4.74 16.79 -5.35
CA LYS A 63 -5.64 16.51 -6.46
C LYS A 63 -6.03 15.04 -6.59
N ASN A 64 -5.26 14.20 -5.93
CA ASN A 64 -5.50 12.78 -5.94
C ASN A 64 -6.12 12.27 -4.65
N ARG A 65 -6.56 13.16 -3.75
CA ARG A 65 -7.09 12.75 -2.49
C ARG A 65 -8.58 13.05 -2.42
N PRO A 66 -9.47 12.19 -1.95
CA PRO A 66 -9.13 10.80 -1.63
C PRO A 66 -8.81 10.03 -2.89
N LEU A 67 -8.09 8.92 -2.73
CA LEU A 67 -7.82 8.06 -3.89
C LEU A 67 -9.14 7.63 -4.48
N LYS A 68 -9.35 7.93 -5.74
CA LYS A 68 -10.65 7.75 -6.39
C LYS A 68 -11.01 6.29 -6.48
N GLY A 69 -12.28 5.97 -6.28
CA GLY A 69 -12.74 4.60 -6.52
C GLY A 69 -12.41 3.63 -5.42
N ARG A 70 -11.84 4.10 -4.31
CA ARG A 70 -11.43 3.27 -3.17
C ARG A 70 -11.95 3.96 -1.91
N ILE A 71 -12.23 3.22 -0.88
CA ILE A 71 -12.53 3.75 0.44
C ILE A 71 -11.22 4.05 1.16
N ASN A 72 -11.03 5.28 1.60
CA ASN A 72 -9.74 5.69 2.17
C ASN A 72 -9.83 5.79 3.69
N LEU A 73 -8.99 5.07 4.37
CA LEU A 73 -8.95 5.02 5.82
C LEU A 73 -7.53 5.44 6.26
N VAL A 74 -7.45 6.39 7.18
CA VAL A 74 -6.20 6.91 7.70
C VAL A 74 -6.05 6.43 9.14
N LEU A 75 -4.86 5.99 9.49
CA LEU A 75 -4.46 5.66 10.83
C LEU A 75 -3.78 6.84 11.51
N SER A 76 -4.27 7.20 12.70
CA SER A 76 -3.62 8.22 13.51
C SER A 76 -4.08 8.02 14.96
N ARG A 77 -3.15 8.25 15.89
CA ARG A 77 -3.58 8.27 17.29
C ARG A 77 -3.79 9.71 17.77
N GLU A 78 -3.42 10.73 16.98
CA GLU A 78 -3.56 12.14 17.41
C GLU A 78 -4.75 12.85 16.77
N LEU A 79 -5.14 12.54 15.51
CA LEU A 79 -6.30 13.14 14.89
C LEU A 79 -7.55 12.63 15.57
N LYS A 80 -8.58 13.49 15.58
CA LYS A 80 -9.83 13.02 16.18
C LYS A 80 -10.93 12.86 15.12
N GLU A 81 -10.71 13.28 13.91
CA GLU A 81 -11.62 13.03 12.79
C GLU A 81 -10.76 12.75 11.59
N PRO A 82 -11.29 12.13 10.54
CA PRO A 82 -10.43 11.87 9.37
C PRO A 82 -9.94 13.17 8.78
N PRO A 83 -8.77 13.21 8.17
CA PRO A 83 -8.32 14.45 7.53
C PRO A 83 -9.28 14.74 6.41
N GLN A 84 -9.40 16.02 6.08
CA GLN A 84 -10.35 16.38 5.05
C GLN A 84 -10.15 15.57 3.77
N GLY A 85 -11.23 14.94 3.33
CA GLY A 85 -11.26 14.09 2.16
C GLY A 85 -11.22 12.64 2.45
N ALA A 86 -10.64 12.24 3.56
CA ALA A 86 -10.64 10.81 3.92
C ALA A 86 -12.00 10.34 4.37
N HIS A 87 -12.26 9.06 4.25
CA HIS A 87 -13.55 8.48 4.64
C HIS A 87 -13.63 8.02 6.07
N PHE A 88 -12.55 7.47 6.62
CA PHE A 88 -12.52 6.89 7.91
C PHE A 88 -11.17 7.15 8.60
N LEU A 89 -11.16 7.10 9.93
CA LEU A 89 -10.03 7.22 10.78
C LEU A 89 -10.01 6.09 11.80
N SER A 90 -8.88 5.45 12.00
CA SER A 90 -8.77 4.45 13.05
C SER A 90 -7.45 4.65 13.80
N ARG A 91 -7.36 4.15 15.01
CA ARG A 91 -6.12 4.30 15.83
C ARG A 91 -5.10 3.20 15.58
N SER A 92 -5.48 2.12 14.94
CA SER A 92 -4.59 0.98 14.77
C SER A 92 -5.06 0.17 13.60
N LEU A 93 -4.16 -0.59 13.03
CA LEU A 93 -4.61 -1.47 11.98
C LEU A 93 -5.64 -2.44 12.51
N ASP A 94 -5.51 -3.00 13.72
CA ASP A 94 -6.48 -3.97 14.20
C ASP A 94 -7.85 -3.31 14.26
N ASP A 95 -7.89 -2.06 14.70
CA ASP A 95 -9.18 -1.41 14.76
C ASP A 95 -9.74 -1.13 13.37
N ALA A 96 -8.88 -0.79 12.42
CA ALA A 96 -9.35 -0.60 11.04
C ALA A 96 -9.95 -1.91 10.51
N LEU A 97 -9.32 -3.07 10.82
CA LEU A 97 -9.84 -4.34 10.33
C LEU A 97 -11.15 -4.67 11.03
N LYS A 98 -11.27 -4.38 12.31
CA LYS A 98 -12.53 -4.52 13.04
C LYS A 98 -13.64 -3.73 12.35
N LEU A 99 -13.26 -2.50 11.97
CA LEU A 99 -14.26 -1.63 11.34
C LEU A 99 -14.74 -2.26 10.05
N THR A 100 -13.87 -2.98 9.33
CA THR A 100 -14.25 -3.61 8.08
C THR A 100 -15.28 -4.71 8.28
N GLU A 101 -15.40 -5.15 9.53
CA GLU A 101 -16.31 -6.22 9.87
C GLU A 101 -17.60 -5.69 10.42
N GLN A 102 -17.67 -4.36 10.63
CA GLN A 102 -18.88 -3.81 11.16
C GLN A 102 -19.86 -3.51 10.06
N PRO A 103 -21.17 -3.43 10.34
CA PRO A 103 -22.16 -3.26 9.30
C PRO A 103 -22.00 -2.04 8.39
N GLU A 104 -21.38 -0.97 8.84
CA GLU A 104 -21.23 0.19 7.96
C GLU A 104 -20.28 -0.07 6.78
N LEU A 105 -19.40 -1.05 6.91
CA LEU A 105 -18.44 -1.37 5.86
C LEU A 105 -18.43 -2.79 5.35
N ALA A 106 -18.93 -3.72 6.13
CA ALA A 106 -18.77 -5.14 5.83
C ALA A 106 -19.33 -5.53 4.47
N ASN A 107 -20.37 -4.87 3.95
CA ASN A 107 -20.90 -5.20 2.62
C ASN A 107 -20.33 -4.29 1.53
N LYS A 108 -19.57 -3.26 1.84
CA LYS A 108 -19.09 -2.33 0.84
C LYS A 108 -17.70 -2.75 0.35
N VAL A 109 -16.90 -3.35 1.16
CA VAL A 109 -15.47 -3.55 0.92
C VAL A 109 -15.20 -4.90 0.33
N ASP A 110 -14.32 -4.91 -0.69
CA ASP A 110 -13.78 -6.14 -1.20
C ASP A 110 -12.38 -6.38 -0.64
N MET A 111 -11.33 -5.98 -1.36
CA MET A 111 -9.96 -6.18 -0.91
C MET A 111 -9.52 -5.07 0.04
N VAL A 112 -8.58 -5.42 0.91
CA VAL A 112 -7.96 -4.46 1.81
C VAL A 112 -6.50 -4.33 1.39
N TRP A 113 -6.09 -3.10 1.13
CA TRP A 113 -4.75 -2.76 0.73
C TRP A 113 -4.11 -1.82 1.72
N ILE A 114 -2.96 -2.23 2.24
CA ILE A 114 -2.13 -1.40 3.11
C ILE A 114 -1.15 -0.70 2.20
N VAL A 115 -1.14 0.63 2.24
CA VAL A 115 -0.39 1.41 1.27
C VAL A 115 0.73 2.27 1.91
N GLY A 116 0.97 2.06 3.18
CA GLY A 116 2.12 2.65 3.87
C GLY A 116 1.70 3.48 5.05
N GLY A 117 2.65 3.92 5.88
CA GLY A 117 4.09 3.80 5.72
C GLY A 117 4.65 2.65 6.54
N SER A 118 5.89 2.85 6.98
CA SER A 118 6.68 1.78 7.59
C SER A 118 5.95 1.06 8.70
N SER A 119 5.42 1.83 9.64
CA SER A 119 4.78 1.21 10.79
C SER A 119 3.54 0.44 10.43
N VAL A 120 2.82 0.88 9.41
CA VAL A 120 1.61 0.19 8.99
C VAL A 120 1.97 -1.13 8.32
N TYR A 121 2.98 -1.11 7.47
CA TYR A 121 3.46 -2.37 6.88
C TYR A 121 3.88 -3.38 7.94
N LYS A 122 4.62 -2.89 8.98
CA LYS A 122 5.08 -3.77 10.05
C LYS A 122 3.88 -4.38 10.78
N GLU A 123 2.85 -3.54 11.07
CA GLU A 123 1.66 -4.10 11.75
C GLU A 123 0.97 -5.11 10.86
N ALA A 124 0.85 -4.87 9.57
CA ALA A 124 0.18 -5.81 8.68
C ALA A 124 0.94 -7.12 8.63
N MET A 125 2.28 -7.05 8.63
CA MET A 125 3.11 -8.25 8.54
C MET A 125 3.04 -9.09 9.79
N ASN A 126 2.49 -8.54 10.90
CA ASN A 126 2.25 -9.33 12.10
C ASN A 126 0.86 -9.98 12.09
N HIS A 127 0.03 -9.77 11.09
CA HIS A 127 -1.35 -10.32 11.03
C HIS A 127 -1.17 -11.79 10.63
N PRO A 128 -1.76 -12.71 11.38
CA PRO A 128 -1.64 -14.11 10.99
C PRO A 128 -2.46 -14.35 9.74
N GLY A 129 -2.04 -15.36 8.99
CA GLY A 129 -2.86 -15.72 7.84
C GLY A 129 -2.32 -15.24 6.53
N HIS A 130 -3.23 -15.22 5.57
CA HIS A 130 -2.75 -15.00 4.23
C HIS A 130 -2.48 -13.50 4.03
N LEU A 131 -1.30 -13.25 3.46
CA LEU A 131 -0.86 -11.90 3.18
C LEU A 131 -0.06 -11.95 1.89
N LYS A 132 -0.32 -11.02 1.01
CA LYS A 132 0.52 -10.78 -0.15
C LYS A 132 1.19 -9.42 -0.03
N LEU A 133 2.43 -9.36 -0.49
CA LEU A 133 3.21 -8.12 -0.59
C LEU A 133 3.44 -7.86 -2.05
N PHE A 134 2.91 -6.75 -2.56
CA PHE A 134 3.14 -6.31 -3.95
C PHE A 134 4.23 -5.26 -3.85
N VAL A 135 5.45 -5.66 -4.26
CA VAL A 135 6.64 -4.86 -4.05
C VAL A 135 7.16 -4.40 -5.40
N THR A 136 7.27 -3.10 -5.61
CA THR A 136 7.94 -2.54 -6.76
C THR A 136 9.39 -2.32 -6.34
N ARG A 137 10.31 -3.00 -6.99
CA ARG A 137 11.74 -2.85 -6.76
C ARG A 137 12.23 -1.74 -7.65
N ILE A 138 12.55 -0.61 -7.06
CA ILE A 138 13.21 0.52 -7.73
C ILE A 138 14.69 0.22 -7.69
N MET A 139 15.29 -0.02 -8.87
CA MET A 139 16.61 -0.68 -8.96
C MET A 139 17.74 0.35 -8.88
N GLN A 140 17.72 1.22 -7.87
CA GLN A 140 18.77 2.18 -7.57
C GLN A 140 18.65 2.48 -6.09
N ASP A 141 19.75 2.95 -5.50
CA ASP A 141 19.74 3.46 -4.15
C ASP A 141 19.21 4.89 -4.16
N PHE A 142 18.43 5.29 -3.20
CA PHE A 142 17.99 6.64 -2.96
C PHE A 142 18.07 6.97 -1.49
N GLU A 143 18.57 8.18 -1.21
CA GLU A 143 18.62 8.65 0.17
C GLU A 143 17.21 8.61 0.77
N SER A 144 17.06 8.00 1.93
CA SER A 144 15.78 7.75 2.53
C SER A 144 15.88 7.93 4.03
N ASP A 145 14.76 8.21 4.64
CA ASP A 145 14.72 8.25 6.11
C ASP A 145 13.63 7.37 6.72
N THR A 146 12.90 6.64 5.87
CA THR A 146 11.90 5.69 6.29
C THR A 146 12.07 4.47 5.37
N PHE A 147 11.93 3.29 5.93
CA PHE A 147 12.32 2.05 5.27
C PHE A 147 11.25 1.00 5.41
N PHE A 148 11.24 0.10 4.40
CA PHE A 148 10.39 -1.07 4.45
C PHE A 148 11.09 -2.17 5.23
N PRO A 149 10.38 -2.94 6.04
CA PRO A 149 11.03 -3.99 6.82
C PRO A 149 11.48 -5.15 5.95
N GLU A 150 12.33 -5.99 6.53
CA GLU A 150 12.83 -7.16 5.89
C GLU A 150 11.74 -8.18 5.63
N ILE A 151 11.81 -8.81 4.47
CA ILE A 151 10.89 -9.87 4.09
C ILE A 151 11.53 -11.21 4.41
N ASP A 152 10.94 -11.96 5.32
CA ASP A 152 11.45 -13.27 5.73
C ASP A 152 11.18 -14.30 4.65
N LEU A 153 12.21 -14.71 3.92
CA LEU A 153 12.01 -15.68 2.82
C LEU A 153 11.89 -17.11 3.28
N GLU A 154 11.89 -17.38 4.58
CA GLU A 154 11.48 -18.68 5.09
C GLU A 154 9.99 -18.69 5.32
N LYS A 155 9.30 -17.56 5.24
CA LYS A 155 7.88 -17.39 5.47
C LYS A 155 7.11 -16.96 4.22
N TYR A 156 7.74 -16.06 3.45
CA TYR A 156 7.22 -15.57 2.21
C TYR A 156 7.91 -16.25 1.04
N LYS A 157 7.17 -16.46 -0.02
CA LYS A 157 7.68 -16.90 -1.29
C LYS A 157 7.55 -15.81 -2.32
N LEU A 158 8.56 -15.62 -3.14
CA LEU A 158 8.47 -14.78 -4.31
C LEU A 158 7.76 -15.55 -5.37
N LEU A 159 6.61 -15.08 -5.83
CA LEU A 159 5.88 -15.76 -6.88
C LEU A 159 6.59 -15.58 -8.21
N PRO A 160 6.72 -16.59 -9.04
CA PRO A 160 7.41 -16.41 -10.33
C PRO A 160 6.71 -15.40 -11.20
N GLU A 161 5.40 -15.28 -11.13
CA GLU A 161 4.64 -14.24 -11.78
C GLU A 161 3.29 -14.23 -11.08
N TYR A 162 2.50 -13.26 -11.41
CA TYR A 162 1.16 -13.08 -10.82
C TYR A 162 0.26 -12.58 -11.91
N PRO A 163 -0.96 -13.11 -12.03
CA PRO A 163 -1.82 -12.65 -13.14
C PRO A 163 -2.01 -11.14 -13.10
N GLY A 164 -1.91 -10.52 -14.27
CA GLY A 164 -2.13 -9.08 -14.37
C GLY A 164 -0.95 -8.24 -13.98
N VAL A 165 0.19 -8.84 -13.58
CA VAL A 165 1.36 -8.08 -13.17
C VAL A 165 2.46 -8.35 -14.17
N LEU A 166 2.97 -7.31 -14.81
CA LEU A 166 4.06 -7.43 -15.78
C LEU A 166 5.32 -7.96 -15.08
N SER A 167 6.05 -8.84 -15.78
CA SER A 167 7.31 -9.35 -15.30
C SER A 167 8.51 -8.54 -15.80
N ASP A 168 8.33 -7.84 -16.90
CA ASP A 168 9.46 -7.19 -17.55
C ASP A 168 9.88 -5.92 -16.78
N VAL A 169 11.14 -5.59 -16.97
CA VAL A 169 11.69 -4.37 -16.41
C VAL A 169 11.03 -3.15 -17.03
N GLN A 170 10.70 -2.20 -16.18
CA GLN A 170 10.13 -0.93 -16.53
C GLN A 170 11.17 0.15 -16.41
N GLU A 171 11.00 1.29 -17.11
CA GLU A 171 11.93 2.40 -16.90
C GLU A 171 11.20 3.72 -17.14
N GLU A 172 11.40 4.67 -16.25
CA GLU A 172 10.88 6.02 -16.35
C GLU A 172 11.88 6.99 -15.75
N LYS A 173 12.12 8.15 -16.40
CA LYS A 173 13.06 9.16 -15.93
C LYS A 173 14.42 8.56 -15.63
N GLY A 174 14.81 7.58 -16.44
CA GLY A 174 16.08 6.90 -16.34
C GLY A 174 16.22 5.95 -15.17
N ILE A 175 15.13 5.60 -14.50
CA ILE A 175 15.12 4.76 -13.35
C ILE A 175 14.40 3.48 -13.73
N LYS A 176 15.09 2.38 -13.59
CA LYS A 176 14.55 1.06 -13.84
C LYS A 176 13.85 0.51 -12.57
N TYR A 177 12.77 -0.22 -12.83
CA TYR A 177 12.05 -0.85 -11.71
C TYR A 177 11.31 -2.07 -12.22
N LYS A 178 10.88 -2.92 -11.30
CA LYS A 178 10.18 -4.12 -11.66
C LYS A 178 9.15 -4.46 -10.58
N PHE A 179 8.14 -5.22 -10.94
CA PHE A 179 7.04 -5.60 -10.06
C PHE A 179 7.25 -7.01 -9.55
N GLU A 180 7.14 -7.20 -8.25
CA GLU A 180 7.24 -8.49 -7.58
C GLU A 180 6.03 -8.72 -6.72
N VAL A 181 5.68 -9.97 -6.49
CA VAL A 181 4.61 -10.35 -5.57
C VAL A 181 5.13 -11.47 -4.69
N TYR A 182 5.00 -11.26 -3.37
CA TYR A 182 5.37 -12.21 -2.35
C TYR A 182 4.11 -12.68 -1.67
N GLU A 183 4.11 -13.95 -1.22
CA GLU A 183 2.96 -14.46 -0.52
C GLU A 183 3.38 -15.24 0.70
N LYS A 184 2.71 -15.05 1.81
CA LYS A 184 2.83 -15.94 2.96
C LYS A 184 1.44 -16.59 3.26
N ASN A 185 1.38 -17.70 3.96
CA ASN A 185 0.11 -18.18 4.51
C ASN A 185 0.43 -18.86 5.84
N ASP A 186 0.42 -18.09 6.92
S SO4 B . -15.68 7.64 -6.69
O1 SO4 B . -14.36 7.83 -6.06
O2 SO4 B . -16.67 7.31 -5.68
O3 SO4 B . -15.93 8.80 -7.48
O4 SO4 B . -15.50 6.50 -7.61
C4A LII C . 2.82 3.90 -3.16
C4 LII C . 2.58 2.56 -2.73
C2 LII C . 3.44 1.71 -4.70
C8A LII C . 3.54 4.04 -4.32
C5 LII C . 2.40 5.12 -2.44
C6 LII C . 2.95 6.26 -2.82
C7 LII C . 3.73 6.35 -4.11
C5A LII C . 1.36 5.13 -1.38
C9 LII C . 2.88 7.59 -2.05
C1' LII C . 1.96 9.18 -3.95
C2' LII C . 0.94 8.49 -4.60
C3' LII C . 0.50 8.89 -5.83
C4' LII C . 1.11 9.98 -6.45
C5' LII C . 2.14 10.69 -5.84
C6' LII C . 2.55 10.27 -4.59
C10 LII C . 2.50 8.80 -2.57
C2X LII C . -0.26 6.53 -4.76
C5X LII C . 3.61 12.57 -5.58
N3 LII C . 2.88 1.51 -3.51
N1 LII C . 3.79 2.92 -5.13
N8 LII C . 4.00 5.23 -4.80
N4 LII C . 2.06 2.23 -1.57
N16 LII C . 3.67 0.68 -5.49
O2' LII C . 0.43 7.44 -3.88
O5' LII C . 2.79 11.77 -6.36
PA NDP D . 3.00 6.85 7.93
O1A NDP D . 2.94 5.52 8.50
O2A NDP D . 2.15 7.03 6.71
O5B NDP D . 2.51 7.90 8.93
C5B NDP D . 3.00 7.84 10.38
C4B NDP D . 1.83 8.43 11.20
O4B NDP D . 0.45 7.73 11.01
C3B NDP D . 2.14 8.10 12.74
O3B NDP D . 2.96 9.22 13.24
C2B NDP D . 0.69 8.11 13.31
O2B NDP D . 0.08 9.45 13.20
C1B NDP D . 0.07 7.21 12.26
N9A NDP D . 0.41 5.81 12.21
C8A NDP D . 1.24 5.20 11.28
N7A NDP D . 1.19 3.91 11.46
C5A NDP D . 0.24 3.62 12.42
C6A NDP D . -0.28 2.45 13.01
N6A NDP D . 0.17 1.22 12.68
N1A NDP D . -1.27 2.57 13.93
C2A NDP D . -1.68 3.81 14.27
N3A NDP D . -1.29 4.99 13.76
C4A NDP D . -0.30 4.82 12.87
O3 NDP D . 4.50 7.30 7.70
PN NDP D . 6.03 7.12 7.20
O1N NDP D . 6.37 5.64 7.46
O2N NDP D . 6.83 8.11 7.46
O5D NDP D . 5.67 7.10 5.56
C5D NDP D . 5.39 8.29 4.81
C4D NDP D . 6.70 8.33 3.98
O4D NDP D . 6.87 7.23 3.07
C3D NDP D . 6.56 9.61 3.12
O3D NDP D . 7.92 9.99 2.89
C2D NDP D . 5.83 9.10 1.90
O2D NDP D . 6.10 9.99 0.83
C1D NDP D . 6.52 7.72 1.67
N1N NDP D . 5.63 6.67 1.21
C2N NDP D . 6.19 5.82 0.24
C3N NDP D . 5.59 4.72 -0.21
C7N NDP D . 6.17 3.79 -1.24
O7N NDP D . 5.62 2.76 -1.55
N7N NDP D . 7.46 4.17 -1.61
C4N NDP D . 4.34 4.02 0.54
C5N NDP D . 3.78 5.15 1.46
C6N NDP D . 4.43 6.24 1.85
P2B NDP D . -0.14 10.21 14.53
O1X NDP D . 1.18 10.83 15.01
O2X NDP D . -1.18 11.16 14.22
O3X NDP D . -0.51 9.14 15.58
S DMS E . 5.89 3.39 -0.39
O DMS E . 5.29 2.80 -1.59
C1 DMS E . 6.75 4.79 -1.05
C2 DMS E . 4.61 4.31 0.41
#